data_8QGL
#
_entry.id   8QGL
#
_cell.length_a   62.860
_cell.length_b   74.700
_cell.length_c   118.530
_cell.angle_alpha   90.00
_cell.angle_beta   90.00
_cell.angle_gamma   90.00
#
_symmetry.space_group_name_H-M   'I 2 2 2'
#
loop_
_entity.id
_entity.type
_entity.pdbx_description
1 polymer 'NAD kinase 1'
2 non-polymer 'CITRIC ACID'
3 non-polymer (2~{R},3~{R},4~{S},5~{R})-2-[8-[3-[[(2~{R},3~{S},4~{R},5~{R})-5-(6-aminopurin-9-yl)-3,4-bis(oxidanyl)oxolan-2-yl]methoxy]prop-1-ynyl]-6-azanyl-purin-9-yl]-5-[[[1,1-bis(oxidanyl)-1$l^{6}-thia-3-azabicyclo[1.1.0]butan-1-yl]amino]methyl]oxolane-3,4-diol
4 water water
#
_entity_poly.entity_id   1
_entity_poly.type   'polypeptide(L)'
_entity_poly.pdbx_seq_one_letter_code
;MKYMITSKGDEKSDLLRLNMIAGFGEYDMEYDDVEPEIVISIGGDGTFLSAFHQYEERLDEIAFIGIHTGHLGFYADWRP
AEADKLVKLLAKGEYQKVSYPLLKTTVKYGIGKKEATYLALNESTVKSSGGPFVVDVVINDIHFERFRGDGLCMSTPSGT
TAYNKSLGGALMHPSIEAMQLTEMASINNRVYRTIGSPLVFPKHHVVSLQPVNDKDFQISVDHLSILHRDVQEIRYEVSA
KKIHFARFRSFPFWRRVHDSFIEDLEHHHHHH
;
_entity_poly.pdbx_strand_id   A
#
# COMPACT_ATOMS: atom_id res chain seq x y z
N MET A 1 22.82 -7.73 13.18
CA MET A 1 21.37 -7.62 13.07
C MET A 1 20.89 -8.33 11.81
N LYS A 2 19.83 -9.12 11.95
CA LYS A 2 19.31 -9.89 10.83
C LYS A 2 18.70 -8.97 9.79
N TYR A 3 19.00 -9.25 8.52
CA TYR A 3 18.51 -8.44 7.39
C TYR A 3 18.36 -9.34 6.17
N MET A 4 17.59 -8.85 5.19
CA MET A 4 17.55 -9.45 3.87
C MET A 4 17.39 -8.34 2.84
N ILE A 5 17.61 -8.68 1.57
CA ILE A 5 17.54 -7.70 0.48
C ILE A 5 16.78 -8.33 -0.67
N THR A 6 15.69 -7.69 -1.11
CA THR A 6 15.04 -8.08 -2.35
C THR A 6 15.56 -7.22 -3.49
N SER A 7 15.51 -7.78 -4.69
CA SER A 7 15.93 -7.08 -5.89
C SER A 7 14.83 -7.14 -6.93
N LYS A 8 14.71 -6.07 -7.71
CA LYS A 8 13.85 -6.10 -8.89
C LYS A 8 14.30 -7.16 -9.89
N GLY A 9 15.56 -7.57 -9.83
CA GLY A 9 16.02 -8.66 -10.66
C GLY A 9 16.62 -8.27 -11.99
N ASP A 10 16.72 -6.98 -12.29
CA ASP A 10 17.54 -6.57 -13.41
C ASP A 10 19.02 -6.52 -12.99
N GLU A 11 19.90 -6.36 -13.98
CA GLU A 11 21.33 -6.43 -13.72
C GLU A 11 21.75 -5.38 -12.68
N LYS A 12 21.28 -4.14 -12.84
CA LYS A 12 21.68 -3.07 -11.93
C LYS A 12 21.28 -3.37 -10.49
N SER A 13 20.09 -3.92 -10.29
CA SER A 13 19.60 -4.14 -8.93
C SER A 13 20.26 -5.35 -8.29
N ASP A 14 20.52 -6.40 -9.08
CA ASP A 14 21.17 -7.59 -8.52
C ASP A 14 22.60 -7.26 -8.07
N LEU A 15 23.33 -6.50 -8.88
CA LEU A 15 24.70 -6.16 -8.52
C LEU A 15 24.74 -5.27 -7.29
N LEU A 16 23.86 -4.28 -7.23
CA LEU A 16 23.79 -3.45 -6.03
C LEU A 16 23.52 -4.31 -4.80
N ARG A 17 22.61 -5.28 -4.92
CA ARG A 17 22.34 -6.20 -3.81
C ARG A 17 23.58 -6.98 -3.42
N LEU A 18 24.28 -7.55 -4.40
CA LEU A 18 25.49 -8.33 -4.07
C LEU A 18 26.54 -7.46 -3.39
N ASN A 19 26.68 -6.20 -3.84
CA ASN A 19 27.64 -5.29 -3.22
C ASN A 19 27.25 -4.92 -1.81
N MET A 20 25.95 -4.71 -1.54
CA MET A 20 25.55 -4.39 -0.17
C MET A 20 25.75 -5.57 0.75
N ILE A 21 25.42 -6.78 0.28
CA ILE A 21 25.68 -7.98 1.06
C ILE A 21 27.15 -8.08 1.42
N ALA A 22 28.02 -7.87 0.42
CA ALA A 22 29.46 -7.88 0.69
C ALA A 22 29.84 -6.80 1.70
N GLY A 23 29.29 -5.59 1.56
CA GLY A 23 29.55 -4.56 2.53
C GLY A 23 29.02 -4.89 3.91
N PHE A 24 27.82 -5.47 3.98
CA PHE A 24 27.29 -5.95 5.25
C PHE A 24 28.17 -7.04 5.85
N GLY A 25 28.85 -7.82 5.02
CA GLY A 25 29.76 -8.84 5.51
C GLY A 25 30.86 -8.31 6.41
N GLU A 26 31.13 -7.01 6.34
CA GLU A 26 32.17 -6.39 7.15
C GLU A 26 31.65 -5.88 8.49
N TYR A 27 30.39 -6.15 8.84
CA TYR A 27 29.80 -5.73 10.11
C TYR A 27 29.13 -6.93 10.78
N ASP A 28 28.59 -6.68 11.98
CA ASP A 28 27.81 -7.70 12.69
C ASP A 28 26.40 -7.74 12.10
N MET A 29 26.32 -8.31 10.91
CA MET A 29 25.09 -8.39 10.15
C MET A 29 24.94 -9.80 9.61
N GLU A 30 23.78 -10.40 9.85
CA GLU A 30 23.49 -11.76 9.44
C GLU A 30 22.37 -11.73 8.40
N TYR A 31 22.65 -12.26 7.21
CA TYR A 31 21.63 -12.34 6.18
C TYR A 31 20.62 -13.44 6.53
N ASP A 32 19.37 -13.06 6.74
CA ASP A 32 18.34 -14.03 7.12
C ASP A 32 17.04 -13.56 6.51
N ASP A 33 16.51 -14.33 5.56
CA ASP A 33 15.25 -13.97 4.91
C ASP A 33 14.06 -14.70 5.51
N VAL A 34 14.25 -15.44 6.59
CA VAL A 34 13.13 -16.00 7.34
C VAL A 34 12.66 -15.04 8.42
N GLU A 35 13.57 -14.58 9.27
CA GLU A 35 13.24 -13.61 10.31
C GLU A 35 14.16 -12.40 10.27
N PRO A 36 14.16 -11.64 9.16
CA PRO A 36 14.91 -10.39 9.16
C PRO A 36 14.32 -9.38 10.13
N GLU A 37 15.18 -8.51 10.65
CA GLU A 37 14.73 -7.30 11.32
C GLU A 37 14.71 -6.10 10.39
N ILE A 38 15.55 -6.13 9.35
CA ILE A 38 15.65 -5.09 8.34
C ILE A 38 15.39 -5.73 6.99
N VAL A 39 14.49 -5.14 6.21
CA VAL A 39 14.20 -5.59 4.85
C VAL A 39 14.51 -4.44 3.89
N ILE A 40 15.51 -4.65 3.04
CA ILE A 40 15.91 -3.68 2.04
C ILE A 40 15.37 -4.10 0.70
N SER A 41 14.67 -3.19 0.03
CA SER A 41 14.08 -3.45 -1.28
C SER A 41 14.85 -2.62 -2.29
N ILE A 42 15.36 -3.27 -3.34
CA ILE A 42 16.14 -2.59 -4.36
C ILE A 42 15.39 -2.70 -5.68
N GLY A 43 14.81 -1.58 -6.12
CA GLY A 43 13.99 -1.60 -7.30
C GLY A 43 13.12 -0.38 -7.36
N GLY A 44 11.86 -0.56 -7.73
CA GLY A 44 10.89 0.49 -7.72
C GLY A 44 9.86 0.26 -6.64
N ASP A 45 8.75 0.99 -6.74
CA ASP A 45 7.70 0.82 -5.76
C ASP A 45 7.05 -0.56 -5.85
N GLY A 46 6.96 -1.12 -7.06
CA GLY A 46 6.46 -2.48 -7.20
C GLY A 46 7.30 -3.48 -6.44
N THR A 47 8.64 -3.34 -6.51
CA THR A 47 9.52 -4.19 -5.74
C THR A 47 9.27 -4.00 -4.25
N PHE A 48 9.10 -2.75 -3.83
CA PHE A 48 8.84 -2.47 -2.42
C PHE A 48 7.54 -3.09 -1.97
N LEU A 49 6.49 -2.97 -2.79
CA LEU A 49 5.20 -3.58 -2.46
C LEU A 49 5.34 -5.08 -2.28
N SER A 50 6.11 -5.74 -3.15
CA SER A 50 6.29 -7.19 -3.02
C SER A 50 7.04 -7.54 -1.73
N ALA A 51 8.05 -6.73 -1.38
CA ALA A 51 8.77 -6.91 -0.13
C ALA A 51 7.83 -6.82 1.07
N PHE A 52 7.01 -5.77 1.11
CA PHE A 52 6.00 -5.64 2.16
C PHE A 52 5.13 -6.89 2.29
N HIS A 53 4.60 -7.37 1.15
CA HIS A 53 3.70 -8.52 1.22
C HIS A 53 4.45 -9.81 1.54
N GLN A 54 5.74 -9.88 1.20
CA GLN A 54 6.50 -11.07 1.56
C GLN A 54 6.62 -11.22 3.06
N TYR A 55 6.54 -10.13 3.81
CA TYR A 55 6.72 -10.17 5.26
C TYR A 55 5.55 -9.55 6.02
N GLU A 56 4.33 -9.65 5.49
CA GLU A 56 3.23 -8.99 6.19
C GLU A 56 2.83 -9.69 7.48
N GLU A 57 3.36 -10.88 7.77
CA GLU A 57 3.10 -11.53 9.05
C GLU A 57 4.08 -11.09 10.14
N ARG A 58 5.15 -10.36 9.80
CA ARG A 58 6.13 -9.92 10.79
C ARG A 58 6.36 -8.41 10.70
N LEU A 59 5.31 -7.65 10.39
CA LEU A 59 5.43 -6.21 10.27
C LEU A 59 5.87 -5.54 11.57
N ASP A 60 5.53 -6.14 12.70
CA ASP A 60 5.90 -5.56 13.99
C ASP A 60 7.40 -5.65 14.25
N GLU A 61 8.07 -6.64 13.67
CA GLU A 61 9.47 -6.92 13.94
C GLU A 61 10.41 -6.33 12.91
N ILE A 62 9.89 -5.66 11.87
CA ILE A 62 10.68 -5.32 10.69
C ILE A 62 10.65 -3.82 10.45
N ALA A 63 11.80 -3.27 10.04
CA ALA A 63 11.87 -1.94 9.47
C ALA A 63 12.33 -2.03 8.02
N PHE A 64 11.59 -1.37 7.14
CA PHE A 64 11.82 -1.42 5.70
C PHE A 64 12.63 -0.22 5.23
N ILE A 65 13.43 -0.44 4.17
CA ILE A 65 14.16 0.62 3.47
C ILE A 65 14.07 0.34 1.97
N GLY A 66 13.76 1.36 1.19
CA GLY A 66 13.72 1.26 -0.27
C GLY A 66 14.86 2.01 -0.93
N ILE A 67 15.49 1.35 -1.91
CA ILE A 67 16.49 1.97 -2.78
C ILE A 67 15.91 1.99 -4.19
N HIS A 68 15.94 3.14 -4.86
CA HIS A 68 15.30 3.20 -6.18
C HIS A 68 16.31 2.98 -7.30
N THR A 69 16.14 1.86 -8.00
CA THR A 69 16.73 1.61 -9.31
C THR A 69 15.64 1.52 -10.37
N GLY A 70 14.39 1.79 -10.01
CA GLY A 70 13.28 1.77 -10.94
C GLY A 70 13.05 3.13 -11.58
N HIS A 71 11.80 3.52 -11.78
CA HIS A 71 11.50 4.76 -12.48
C HIS A 71 11.09 5.88 -11.54
N LEU A 72 9.95 5.75 -10.86
CA LEU A 72 9.51 6.81 -9.96
C LEU A 72 9.98 6.61 -8.53
N GLY A 73 9.74 5.44 -7.95
CA GLY A 73 10.23 5.11 -6.61
C GLY A 73 9.74 5.99 -5.49
N PHE A 74 8.44 5.91 -5.18
CA PHE A 74 7.85 6.76 -4.16
C PHE A 74 8.19 6.31 -2.74
N TYR A 75 8.25 4.99 -2.50
CA TYR A 75 8.63 4.47 -1.18
C TYR A 75 10.15 4.40 -1.01
N ALA A 76 10.88 4.94 -1.97
CA ALA A 76 12.33 4.87 -1.97
C ALA A 76 12.91 6.09 -1.27
N ASP A 77 13.95 5.87 -0.46
CA ASP A 77 14.62 6.98 0.22
C ASP A 77 16.07 7.12 -0.19
N TRP A 78 16.58 6.21 -1.01
CA TRP A 78 17.98 6.21 -1.35
C TRP A 78 18.14 6.00 -2.84
N ARG A 79 19.09 6.75 -3.41
CA ARG A 79 19.66 6.46 -4.71
C ARG A 79 20.71 5.37 -4.55
N PRO A 80 20.96 4.60 -5.61
CA PRO A 80 22.01 3.57 -5.53
C PRO A 80 23.37 4.09 -5.09
N ALA A 81 23.68 5.34 -5.45
CA ALA A 81 24.99 5.91 -5.13
C ALA A 81 25.22 6.05 -3.64
N GLU A 82 24.14 6.04 -2.83
CA GLU A 82 24.25 6.17 -1.39
C GLU A 82 24.20 4.82 -0.67
N ALA A 83 24.40 3.71 -1.40
CA ALA A 83 24.23 2.40 -0.81
C ALA A 83 25.27 2.13 0.28
N ASP A 84 26.54 2.42 0.01
CA ASP A 84 27.58 2.16 1.01
C ASP A 84 27.38 3.05 2.23
N LYS A 85 26.91 4.28 2.02
CA LYS A 85 26.55 5.13 3.14
C LYS A 85 25.42 4.52 3.96
N LEU A 86 24.48 3.86 3.29
CA LEU A 86 23.37 3.21 3.97
C LEU A 86 23.82 1.96 4.72
N VAL A 87 24.69 1.14 4.10
CA VAL A 87 25.29 0.01 4.79
C VAL A 87 25.90 0.48 6.09
N LYS A 88 26.75 1.50 6.01
CA LYS A 88 27.47 2.01 7.17
C LYS A 88 26.50 2.57 8.21
N LEU A 89 25.45 3.27 7.76
CA LEU A 89 24.51 3.86 8.72
C LEU A 89 23.65 2.78 9.37
N LEU A 90 23.20 1.78 8.59
CA LEU A 90 22.43 0.67 9.14
C LEU A 90 23.25 -0.11 10.15
N ALA A 91 24.48 -0.48 9.79
CA ALA A 91 25.44 -0.87 10.81
C ALA A 91 25.60 0.30 11.77
N LYS A 92 25.81 -0.02 13.05
CA LYS A 92 25.81 0.98 14.12
C LYS A 92 24.40 1.51 14.37
N GLY A 93 23.51 1.35 13.40
CA GLY A 93 22.08 1.59 13.52
C GLY A 93 21.63 2.78 14.35
N GLU A 94 20.82 2.49 15.38
CA GLU A 94 20.22 3.50 16.26
C GLU A 94 19.51 4.59 15.47
N TYR A 95 19.07 4.26 14.25
CA TYR A 95 18.17 5.08 13.44
C TYR A 95 16.85 5.30 14.16
N GLN A 96 15.99 6.12 13.56
CA GLN A 96 14.62 6.26 14.03
C GLN A 96 13.69 5.53 13.09
N LYS A 97 12.57 5.05 13.63
CA LYS A 97 11.55 4.39 12.85
C LYS A 97 10.35 5.31 12.71
N VAL A 98 9.72 5.28 11.54
CA VAL A 98 8.44 5.94 11.32
C VAL A 98 7.43 4.89 10.88
N SER A 99 6.18 5.10 11.24
CA SER A 99 5.12 4.15 10.94
C SER A 99 4.06 4.81 10.08
N TYR A 100 3.63 4.11 9.02
CA TYR A 100 2.51 4.52 8.18
C TYR A 100 1.32 3.57 8.41
N PRO A 101 0.09 4.08 8.32
CA PRO A 101 -1.07 3.22 8.55
C PRO A 101 -1.32 2.31 7.36
N LEU A 102 -2.08 1.24 7.62
CA LEU A 102 -2.41 0.24 6.63
C LEU A 102 -3.92 0.04 6.57
N LEU A 103 -4.38 -0.57 5.49
CA LEU A 103 -5.80 -0.81 5.25
C LEU A 103 -6.10 -2.29 5.39
N LYS A 104 -7.13 -2.64 6.15
CA LYS A 104 -7.54 -4.02 6.29
C LYS A 104 -8.79 -4.25 5.45
N THR A 105 -8.76 -5.30 4.62
CA THR A 105 -9.89 -5.69 3.79
C THR A 105 -10.37 -7.06 4.22
N THR A 106 -11.66 -7.18 4.48
CA THR A 106 -12.26 -8.46 4.82
C THR A 106 -13.28 -8.83 3.76
N VAL A 107 -13.16 -10.03 3.23
CA VAL A 107 -14.06 -10.54 2.20
C VAL A 107 -14.78 -11.73 2.79
N LYS A 108 -16.11 -11.62 2.91
CA LYS A 108 -16.94 -12.70 3.41
C LYS A 108 -17.72 -13.33 2.28
N TYR A 109 -17.90 -14.65 2.36
CA TYR A 109 -18.51 -15.45 1.31
C TYR A 109 -19.81 -16.07 1.80
N GLY A 110 -20.63 -16.48 0.84
CA GLY A 110 -21.73 -17.36 1.18
C GLY A 110 -21.24 -18.72 1.64
N ILE A 111 -22.17 -19.46 2.26
CA ILE A 111 -21.93 -20.80 2.81
C ILE A 111 -20.93 -20.73 3.99
N GLU A 115 -14.35 -16.27 5.62
CA GLU A 115 -13.73 -14.95 5.67
C GLU A 115 -12.29 -14.99 5.17
N ALA A 116 -11.92 -14.04 4.32
CA ALA A 116 -10.54 -13.82 3.95
C ALA A 116 -10.19 -12.37 4.27
N THR A 117 -9.01 -12.16 4.86
CA THR A 117 -8.52 -10.82 5.16
C THR A 117 -7.22 -10.56 4.41
N TYR A 118 -7.04 -9.29 4.05
CA TYR A 118 -5.87 -8.82 3.31
C TYR A 118 -5.43 -7.50 3.91
N LEU A 119 -4.13 -7.26 3.85
CA LEU A 119 -3.53 -5.99 4.27
C LEU A 119 -3.01 -5.25 3.04
N ALA A 120 -3.26 -3.96 2.96
CA ALA A 120 -2.82 -3.16 1.82
C ALA A 120 -1.95 -1.99 2.27
N LEU A 121 -0.85 -1.75 1.54
CA LEU A 121 0.00 -0.59 1.75
C LEU A 121 -0.42 0.58 0.86
N ASN A 122 -0.91 0.30 -0.33
CA ASN A 122 -1.41 1.33 -1.23
C ASN A 122 -2.93 1.37 -1.18
N GLU A 123 -3.58 0.33 -1.69
CA GLU A 123 -5.04 0.42 -1.75
C GLU A 123 -5.63 -0.96 -2.02
N SER A 124 -6.93 -1.05 -1.80
CA SER A 124 -7.73 -2.18 -2.24
C SER A 124 -8.82 -1.65 -3.16
N THR A 125 -9.04 -2.31 -4.30
CA THR A 125 -10.10 -1.86 -5.20
C THR A 125 -11.05 -3.01 -5.48
N VAL A 126 -12.25 -2.66 -5.91
CA VAL A 126 -13.28 -3.63 -6.26
C VAL A 126 -13.86 -3.23 -7.61
N LYS A 127 -13.96 -4.19 -8.51
CA LYS A 127 -14.66 -4.05 -9.78
C LYS A 127 -15.52 -5.30 -9.99
N SER A 128 -16.39 -5.27 -10.99
CA SER A 128 -17.19 -6.45 -11.22
C SER A 128 -16.40 -7.46 -12.05
N SER A 129 -16.95 -8.66 -12.15
CA SER A 129 -16.35 -9.71 -12.96
C SER A 129 -16.96 -9.75 -14.35
N GLY A 130 -17.01 -8.60 -15.02
CA GLY A 130 -17.62 -8.55 -16.34
C GLY A 130 -18.87 -7.71 -16.42
N GLY A 131 -19.93 -8.10 -15.71
CA GLY A 131 -21.18 -7.41 -15.73
C GLY A 131 -21.11 -6.02 -15.12
N PRO A 132 -22.28 -5.38 -14.96
CA PRO A 132 -22.29 -4.06 -14.31
C PRO A 132 -21.91 -4.18 -12.83
N PHE A 133 -21.19 -3.17 -12.34
CA PHE A 133 -20.80 -3.11 -10.94
C PHE A 133 -21.83 -2.30 -10.17
N VAL A 134 -22.50 -2.94 -9.21
CA VAL A 134 -23.49 -2.30 -8.36
C VAL A 134 -23.30 -2.82 -6.94
N VAL A 135 -22.99 -1.94 -5.99
CA VAL A 135 -22.94 -2.32 -4.58
C VAL A 135 -23.64 -1.26 -3.76
N ASP A 136 -24.20 -1.70 -2.63
CA ASP A 136 -24.66 -0.79 -1.58
C ASP A 136 -23.47 -0.47 -0.67
N VAL A 137 -23.28 0.82 -0.40
CA VAL A 137 -22.18 1.29 0.45
C VAL A 137 -22.74 1.57 1.83
N VAL A 138 -22.25 0.85 2.83
CA VAL A 138 -22.79 0.92 4.18
C VAL A 138 -21.68 1.40 5.11
N ILE A 139 -21.91 2.51 5.80
CA ILE A 139 -20.90 3.12 6.66
C ILE A 139 -21.37 2.99 8.09
N ASN A 140 -20.63 2.24 8.90
CA ASN A 140 -21.00 1.99 10.29
C ASN A 140 -22.47 1.59 10.39
N ASP A 141 -22.87 0.65 9.54
CA ASP A 141 -24.21 0.06 9.49
C ASP A 141 -25.27 1.02 8.96
N ILE A 142 -24.90 2.18 8.46
CA ILE A 142 -25.84 3.14 7.89
C ILE A 142 -25.76 3.06 6.38
N HIS A 143 -26.89 2.84 5.71
CA HIS A 143 -26.86 2.73 4.26
C HIS A 143 -26.60 4.11 3.66
N PHE A 144 -25.47 4.25 3.00
CA PHE A 144 -25.05 5.56 2.54
C PHE A 144 -25.40 5.84 1.09
N GLU A 145 -25.17 4.89 0.20
CA GLU A 145 -25.44 5.12 -1.21
C GLU A 145 -25.46 3.77 -1.90
N ARG A 146 -26.10 3.73 -3.07
CA ARG A 146 -25.97 2.59 -3.97
C ARG A 146 -25.05 3.03 -5.10
N PHE A 147 -23.88 2.42 -5.18
CA PHE A 147 -22.88 2.82 -6.17
C PHE A 147 -23.02 2.01 -7.45
N ARG A 148 -23.17 2.71 -8.58
CA ARG A 148 -23.18 2.11 -9.90
C ARG A 148 -22.10 2.75 -10.74
N GLY A 149 -21.24 1.94 -11.35
CA GLY A 149 -20.10 2.52 -12.06
C GLY A 149 -19.07 1.46 -12.37
N ASP A 150 -17.82 1.88 -12.51
CA ASP A 150 -16.77 0.92 -12.84
C ASP A 150 -16.22 0.21 -11.61
N GLY A 151 -16.20 0.87 -10.46
CA GLY A 151 -15.59 0.29 -9.29
C GLY A 151 -15.27 1.35 -8.25
N LEU A 152 -14.64 0.89 -7.16
CA LEU A 152 -14.30 1.73 -6.01
C LEU A 152 -12.88 1.43 -5.56
N CYS A 153 -12.27 2.41 -4.90
CA CYS A 153 -10.86 2.33 -4.48
C CYS A 153 -10.76 2.84 -3.06
N MET A 154 -10.21 2.02 -2.17
CA MET A 154 -9.99 2.41 -0.78
C MET A 154 -8.48 2.48 -0.55
N SER A 155 -8.00 3.67 -0.21
CA SER A 155 -6.57 3.96 -0.20
C SER A 155 -6.11 4.25 1.22
N THR A 156 -4.90 3.79 1.55
CA THR A 156 -4.18 4.24 2.72
C THR A 156 -3.66 5.66 2.49
N PRO A 157 -3.17 6.33 3.54
CA PRO A 157 -2.52 7.63 3.32
C PRO A 157 -1.36 7.58 2.34
N SER A 158 -0.38 6.68 2.52
CA SER A 158 0.72 6.63 1.57
C SER A 158 0.26 6.15 0.20
N GLY A 159 -0.87 5.45 0.13
CA GLY A 159 -1.45 5.10 -1.14
C GLY A 159 -2.15 6.25 -1.84
N THR A 160 -2.37 7.37 -1.15
CA THR A 160 -3.16 8.43 -1.78
C THR A 160 -2.43 9.03 -2.97
N THR A 161 -1.11 8.87 -3.05
CA THR A 161 -0.39 9.39 -4.19
C THR A 161 -0.39 8.44 -5.38
N ALA A 162 -1.06 7.29 -5.27
CA ALA A 162 -1.02 6.25 -6.28
C ALA A 162 -2.35 6.23 -7.01
N TYR A 163 -3.01 5.07 -7.16
CA TYR A 163 -4.27 4.98 -7.90
C TYR A 163 -5.25 6.05 -7.43
N ASN A 164 -5.33 6.27 -6.12
CA ASN A 164 -6.23 7.26 -5.52
C ASN A 164 -6.07 8.62 -6.19
N LYS A 165 -4.82 9.01 -6.47
CA LYS A 165 -4.59 10.32 -7.07
C LYS A 165 -5.18 10.39 -8.46
N SER A 166 -5.00 9.32 -9.25
CA SER A 166 -5.52 9.28 -10.61
C SER A 166 -7.04 9.32 -10.64
N LEU A 167 -7.68 8.89 -9.57
CA LEU A 167 -9.15 8.90 -9.46
C LEU A 167 -9.67 10.21 -8.87
N GLY A 168 -8.81 11.19 -8.65
CA GLY A 168 -9.27 12.47 -8.14
C GLY A 168 -9.25 12.58 -6.63
N GLY A 169 -8.68 11.59 -5.93
CA GLY A 169 -8.61 11.66 -4.49
C GLY A 169 -7.65 12.72 -3.98
N ALA A 170 -7.81 13.04 -2.69
CA ALA A 170 -6.92 13.97 -2.00
C ALA A 170 -5.63 13.27 -1.62
N LEU A 171 -4.54 14.03 -1.55
CA LEU A 171 -3.28 13.50 -1.03
C LEU A 171 -3.25 13.75 0.46
N MET A 172 -3.05 12.71 1.27
CA MET A 172 -3.09 12.95 2.71
C MET A 172 -1.81 12.49 3.40
N HIS A 173 -1.34 13.33 4.32
CA HIS A 173 -0.13 13.02 5.07
C HIS A 173 -0.31 11.73 5.87
N PRO A 174 0.71 10.86 5.87
CA PRO A 174 0.56 9.53 6.46
C PRO A 174 0.59 9.48 7.98
N SER A 175 0.80 10.62 8.65
CA SER A 175 0.55 10.66 10.09
C SER A 175 -0.93 10.61 10.44
N ILE A 176 -1.81 10.72 9.45
CA ILE A 176 -3.25 10.69 9.70
C ILE A 176 -3.71 9.25 9.57
N GLU A 177 -4.33 8.72 10.62
CA GLU A 177 -4.77 7.33 10.61
C GLU A 177 -6.15 7.30 9.97
N ALA A 178 -6.16 7.06 8.66
CA ALA A 178 -7.38 7.20 7.89
C ALA A 178 -7.31 6.32 6.65
N MET A 179 -8.46 6.17 5.99
CA MET A 179 -8.53 5.55 4.68
C MET A 179 -9.42 6.41 3.80
N GLN A 180 -9.21 6.34 2.49
CA GLN A 180 -9.94 7.23 1.60
C GLN A 180 -10.61 6.43 0.48
N LEU A 181 -11.90 6.67 0.27
CA LEU A 181 -12.67 5.96 -0.74
C LEU A 181 -12.90 6.87 -1.94
N THR A 182 -12.48 6.42 -3.14
CA THR A 182 -12.72 7.15 -4.37
C THR A 182 -13.55 6.32 -5.32
N GLU A 183 -14.33 7.01 -6.16
CA GLU A 183 -15.17 6.39 -7.17
C GLU A 183 -14.42 6.21 -8.48
N MET A 184 -14.74 5.14 -9.21
CA MET A 184 -14.32 4.98 -10.60
C MET A 184 -15.54 5.11 -11.49
N ALA A 185 -15.65 6.23 -12.20
CA ALA A 185 -16.65 6.44 -13.25
C ALA A 185 -18.07 6.09 -12.76
N SER A 186 -18.53 6.81 -11.74
CA SER A 186 -19.90 6.54 -11.30
C SER A 186 -20.92 7.11 -12.27
N ILE A 187 -22.07 6.47 -12.32
CA ILE A 187 -23.22 6.98 -13.09
C ILE A 187 -23.99 7.94 -12.21
N ASN A 188 -24.35 9.09 -12.77
CA ASN A 188 -25.20 10.04 -12.05
C ASN A 188 -26.19 10.62 -13.04
N ASN A 189 -27.46 10.28 -12.86
CA ASN A 189 -28.53 10.87 -13.64
C ASN A 189 -29.73 11.02 -12.72
N ARG A 190 -30.90 11.22 -13.32
CA ARG A 190 -32.14 11.35 -12.55
C ARG A 190 -32.36 10.13 -11.64
N VAL A 191 -31.96 8.95 -12.10
CA VAL A 191 -32.29 7.70 -11.43
C VAL A 191 -31.19 7.23 -10.49
N TYR A 192 -29.91 7.46 -10.82
CA TYR A 192 -28.78 6.96 -10.04
C TYR A 192 -27.98 8.12 -9.48
N ARG A 193 -27.64 8.05 -8.19
CA ARG A 193 -26.94 9.13 -7.50
C ARG A 193 -25.88 8.57 -6.55
N THR A 194 -24.66 9.08 -6.68
CA THR A 194 -23.60 8.83 -5.71
C THR A 194 -23.11 10.16 -5.16
N ILE A 195 -22.25 10.09 -4.13
CA ILE A 195 -21.77 11.32 -3.51
C ILE A 195 -20.79 12.05 -4.44
N GLY A 196 -20.12 11.30 -5.32
N GLY A 196 -20.07 11.33 -5.29
CA GLY A 196 -19.09 11.81 -6.23
CA GLY A 196 -19.25 12.03 -6.28
C GLY A 196 -17.77 12.04 -5.56
C GLY A 196 -18.14 12.90 -5.71
N SER A 197 -17.79 12.73 -4.43
CA SER A 197 -16.58 13.21 -3.80
C SER A 197 -15.84 12.05 -3.15
N PRO A 198 -14.51 12.10 -3.09
CA PRO A 198 -13.78 11.18 -2.22
C PRO A 198 -14.26 11.33 -0.78
N LEU A 199 -14.22 10.22 -0.04
CA LEU A 199 -14.58 10.20 1.37
C LEU A 199 -13.38 9.77 2.20
N VAL A 200 -13.10 10.50 3.26
CA VAL A 200 -11.98 10.17 4.16
C VAL A 200 -12.55 9.73 5.50
N PHE A 201 -12.19 8.50 5.93
CA PHE A 201 -12.68 7.82 7.13
C PHE A 201 -11.59 7.71 8.19
N PRO A 202 -11.93 7.92 9.47
CA PRO A 202 -10.95 7.74 10.53
C PRO A 202 -10.85 6.28 10.97
N LYS A 203 -9.89 6.02 11.86
CA LYS A 203 -9.83 4.74 12.54
C LYS A 203 -11.20 4.39 13.11
N HIS A 204 -11.50 3.09 13.15
CA HIS A 204 -12.66 2.50 13.78
C HIS A 204 -13.93 2.69 12.96
N HIS A 205 -13.94 3.50 11.92
CA HIS A 205 -15.06 3.49 11.00
C HIS A 205 -14.96 2.28 10.07
N VAL A 206 -16.09 1.66 9.78
CA VAL A 206 -16.15 0.47 8.94
C VAL A 206 -16.98 0.79 7.71
N VAL A 207 -16.42 0.53 6.54
CA VAL A 207 -17.11 0.73 5.28
C VAL A 207 -17.36 -0.64 4.69
N SER A 208 -18.63 -0.98 4.47
CA SER A 208 -19.04 -2.30 3.99
C SER A 208 -19.66 -2.15 2.60
N LEU A 209 -19.22 -2.97 1.65
CA LEU A 209 -19.82 -3.02 0.32
C LEU A 209 -20.65 -4.29 0.22
N GLN A 210 -21.91 -4.15 -0.19
CA GLN A 210 -22.80 -5.29 -0.22
C GLN A 210 -23.40 -5.43 -1.62
N PRO A 211 -23.26 -6.60 -2.25
CA PRO A 211 -23.74 -6.73 -3.63
C PRO A 211 -25.25 -6.62 -3.70
N VAL A 212 -25.72 -6.13 -4.85
CA VAL A 212 -27.13 -5.95 -5.11
C VAL A 212 -27.67 -7.06 -5.99
N ASN A 213 -26.96 -7.38 -7.07
CA ASN A 213 -27.34 -8.47 -7.96
C ASN A 213 -26.19 -9.46 -8.13
N ASP A 214 -25.25 -9.18 -9.03
CA ASP A 214 -24.10 -10.06 -9.20
C ASP A 214 -23.29 -10.11 -7.92
N LYS A 215 -22.75 -11.28 -7.61
CA LYS A 215 -21.99 -11.48 -6.37
C LYS A 215 -20.53 -11.83 -6.62
N ASP A 216 -20.06 -11.75 -7.86
CA ASP A 216 -18.66 -12.02 -8.20
C ASP A 216 -17.96 -10.69 -8.44
N PHE A 217 -16.78 -10.52 -7.84
CA PHE A 217 -16.04 -9.28 -7.96
C PHE A 217 -14.56 -9.55 -8.15
N GLN A 218 -13.90 -8.62 -8.84
CA GLN A 218 -12.45 -8.62 -8.99
C GLN A 218 -11.91 -7.70 -7.90
N ILE A 219 -11.23 -8.26 -6.91
CA ILE A 219 -10.73 -7.48 -5.78
C ILE A 219 -9.21 -7.41 -5.90
N SER A 220 -8.68 -6.21 -5.89
CA SER A 220 -7.24 -5.99 -5.93
C SER A 220 -6.78 -5.52 -4.56
N VAL A 221 -5.60 -5.97 -4.16
CA VAL A 221 -4.91 -5.44 -2.99
C VAL A 221 -3.50 -5.12 -3.47
N ASP A 222 -3.17 -3.84 -3.52
CA ASP A 222 -1.86 -3.42 -4.06
C ASP A 222 -1.71 -4.03 -5.45
N HIS A 223 -0.60 -4.73 -5.73
CA HIS A 223 -0.34 -5.22 -7.08
CA HIS A 223 -0.34 -5.22 -7.08
C HIS A 223 -1.17 -6.43 -7.47
N LEU A 224 -1.88 -7.06 -6.53
CA LEU A 224 -2.50 -8.36 -6.76
C LEU A 224 -4.01 -8.23 -6.94
N SER A 225 -4.55 -8.96 -7.92
CA SER A 225 -5.96 -8.89 -8.28
C SER A 225 -6.52 -10.30 -8.37
N ILE A 226 -7.57 -10.58 -7.60
CA ILE A 226 -8.15 -11.93 -7.50
C ILE A 226 -9.63 -11.86 -7.83
N LEU A 227 -10.13 -12.85 -8.56
CA LEU A 227 -11.56 -13.00 -8.73
C LEU A 227 -12.13 -13.74 -7.53
N HIS A 228 -13.00 -13.06 -6.77
CA HIS A 228 -13.72 -13.67 -5.66
C HIS A 228 -15.15 -13.95 -6.09
N ARG A 229 -15.63 -15.16 -5.81
CA ARG A 229 -16.98 -15.59 -6.16
C ARG A 229 -17.84 -15.72 -4.92
N ASP A 230 -19.15 -15.51 -5.11
CA ASP A 230 -20.16 -15.70 -4.05
C ASP A 230 -19.87 -14.78 -2.86
N VAL A 231 -19.58 -13.52 -3.14
CA VAL A 231 -19.25 -12.56 -2.09
C VAL A 231 -20.52 -12.07 -1.43
N GLN A 232 -20.53 -12.05 -0.09
CA GLN A 232 -21.61 -11.47 0.70
C GLN A 232 -21.30 -10.04 1.12
N GLU A 233 -20.03 -9.73 1.32
CA GLU A 233 -19.65 -8.44 1.90
C GLU A 233 -18.16 -8.22 1.70
N ILE A 234 -17.78 -6.99 1.41
CA ILE A 234 -16.40 -6.54 1.48
C ILE A 234 -16.34 -5.43 2.52
N ARG A 235 -15.42 -5.58 3.46
CA ARG A 235 -15.34 -4.72 4.64
C ARG A 235 -13.98 -4.02 4.68
N TYR A 236 -14.00 -2.70 4.79
CA TYR A 236 -12.78 -1.89 4.85
C TYR A 236 -12.69 -1.19 6.20
N GLU A 237 -11.49 -1.20 6.78
CA GLU A 237 -11.22 -0.52 8.03
C GLU A 237 -9.71 -0.23 8.09
N VAL A 238 -9.35 0.86 8.78
CA VAL A 238 -7.94 1.13 9.04
C VAL A 238 -7.38 0.01 9.92
N SER A 239 -6.32 -0.62 9.45
CA SER A 239 -5.73 -1.72 10.21
C SER A 239 -5.15 -1.23 11.52
N ALA A 240 -5.15 -2.13 12.52
CA ALA A 240 -4.35 -1.89 13.71
C ALA A 240 -2.86 -2.10 13.47
N LYS A 241 -2.49 -2.77 12.38
CA LYS A 241 -1.09 -3.00 12.05
C LYS A 241 -0.52 -1.81 11.29
N LYS A 242 0.77 -1.57 11.44
CA LYS A 242 1.45 -0.48 10.76
C LYS A 242 2.72 -1.00 10.12
N ILE A 243 3.13 -0.36 9.02
CA ILE A 243 4.44 -0.63 8.43
C ILE A 243 5.43 0.34 9.04
N HIS A 244 6.63 -0.15 9.33
CA HIS A 244 7.67 0.65 9.94
C HIS A 244 8.80 0.85 8.95
N PHE A 245 9.24 2.09 8.80
CA PHE A 245 10.37 2.45 7.95
C PHE A 245 11.58 2.79 8.82
N ALA A 246 12.77 2.38 8.37
CA ALA A 246 14.00 2.90 8.96
C ALA A 246 14.34 4.21 8.25
N ARG A 247 14.44 5.30 9.01
CA ARG A 247 14.79 6.59 8.42
C ARG A 247 16.11 7.07 9.01
N PHE A 248 17.03 7.48 8.14
CA PHE A 248 18.36 7.91 8.52
C PHE A 248 18.59 9.40 8.33
N ARG A 249 17.63 10.09 7.71
CA ARG A 249 17.73 11.51 7.43
C ARG A 249 16.30 12.00 7.17
N SER A 250 16.13 13.31 7.18
CA SER A 250 14.82 13.90 6.93
C SER A 250 14.54 13.90 5.43
N PHE A 251 13.43 13.29 5.04
CA PHE A 251 12.90 13.37 3.69
C PHE A 251 11.39 13.48 3.87
N PRO A 252 10.89 14.69 4.12
CA PRO A 252 9.47 14.84 4.48
C PRO A 252 8.54 14.39 3.36
N PHE A 253 7.38 13.87 3.78
CA PHE A 253 6.37 13.41 2.83
C PHE A 253 6.05 14.46 1.77
N TRP A 254 5.83 15.72 2.19
CA TRP A 254 5.46 16.72 1.21
C TRP A 254 6.61 17.04 0.25
N ARG A 255 7.86 16.93 0.71
CA ARG A 255 8.97 17.04 -0.23
C ARG A 255 9.00 15.83 -1.17
N ARG A 256 8.74 14.65 -0.61
CA ARG A 256 8.61 13.46 -1.44
CA ARG A 256 8.61 13.46 -1.44
C ARG A 256 7.55 13.65 -2.51
N VAL A 257 6.41 14.25 -2.15
CA VAL A 257 5.36 14.55 -3.12
C VAL A 257 5.86 15.57 -4.13
N HIS A 258 6.55 16.61 -3.66
CA HIS A 258 7.08 17.61 -4.59
C HIS A 258 8.03 16.97 -5.59
N ASP A 259 8.95 16.15 -5.09
CA ASP A 259 9.98 15.56 -5.95
C ASP A 259 9.38 14.64 -7.00
N SER A 260 8.26 14.00 -6.68
CA SER A 260 7.65 13.03 -7.58
C SER A 260 6.67 13.65 -8.57
N PHE A 261 6.03 14.78 -8.22
CA PHE A 261 5.00 15.34 -9.08
C PHE A 261 5.27 16.75 -9.59
N ILE A 262 6.10 17.54 -8.90
CA ILE A 262 6.27 18.94 -9.29
C ILE A 262 7.55 19.09 -10.11
N GLU A 263 8.69 18.71 -9.53
CA GLU A 263 9.96 18.77 -10.24
C GLU A 263 11.05 18.17 -9.37
N ASP A 264 12.12 17.70 -10.02
CA ASP A 264 13.26 17.13 -9.28
C ASP A 264 14.52 17.14 -10.14
#